data_7CI9
#
_entry.id   7CI9
#
_cell.length_a   35.626
_cell.length_b   66.630
_cell.length_c   63.612
_cell.angle_alpha   90.00
_cell.angle_beta   89.12
_cell.angle_gamma   90.00
#
_symmetry.space_group_name_H-M   'P 1 21 1'
#
loop_
_entity.id
_entity.type
_entity.pdbx_description
1 polymer 'UDP-3-O-acyl-N-acetylglucosamine deacetylase'
2 non-polymer 2-azanyl-2-[[4-[2-[3-[[2-[(1S)-1-oxidanylethyl]imidazol-1-yl]methyl]-1,2-oxazol-5-yl]ethynyl]phenoxy]methyl]propane-1,3-diol
3 non-polymer 'PHOSPHATE ION'
4 non-polymer 1,2-ETHANEDIOL
5 non-polymer 'ZINC ION'
6 water water
#
_entity_poly.entity_id   1
_entity_poly.type   'polypeptide(L)'
_entity_poly.pdbx_seq_one_letter_code
;MIKQRTLKNIIRATGVGLHSGEKVYLTLKPAPVDTGIVFSRTDLDPVVEIPARAENVGETTMSTTLVKGDVKVDTVEHLL
SAMAGLGIDNAYVELSASEVPIMDGSAGPFVFLIQSAGLQEQEAAKKFIRIKREVSVEEGDKRAVFVPFDGFKVSFEIDF
DHPVFRGRTQQASVDFSSTSFVKEVSRARTFGFMRDIEYLRSQNLALGGSVENAIVVDENRVLNEDGLRYEDEFVKHKIL
DAIGDLYLLGNSLIGEFRGFKSGHALNNQLLRTLIADKDAWEVVTFEDARTAPISYMRP
;
_entity_poly.pdbx_strand_id   A
#
# COMPACT_ATOMS: atom_id res chain seq x y z
N MET A 1 22.45 12.24 -9.55
CA MET A 1 21.30 12.51 -8.62
C MET A 1 20.44 11.25 -8.55
N ILE A 2 19.66 11.10 -7.48
CA ILE A 2 18.57 10.11 -7.51
C ILE A 2 17.46 10.68 -8.39
N LYS A 3 17.13 9.95 -9.46
CA LYS A 3 16.19 10.38 -10.52
C LYS A 3 14.81 9.79 -10.26
N GLN A 4 13.79 10.51 -10.72
CA GLN A 4 12.40 10.00 -10.78
C GLN A 4 12.34 8.76 -11.68
N ARG A 5 11.38 7.88 -11.40
CA ARG A 5 11.18 6.63 -12.15
C ARG A 5 9.74 6.55 -12.65
N THR A 6 9.59 6.05 -13.87
CA THR A 6 8.30 5.57 -14.40
C THR A 6 8.46 4.17 -14.96
N LEU A 7 7.39 3.65 -15.51
CA LEU A 7 7.39 2.34 -16.24
C LEU A 7 8.08 2.53 -17.60
N LYS A 8 8.79 1.50 -18.03
CA LYS A 8 9.44 1.43 -19.37
C LYS A 8 8.35 1.12 -20.39
N ASN A 9 7.35 0.32 -20.03
CA ASN A 9 6.31 -0.22 -20.96
C ASN A 9 4.96 -0.24 -20.24
N ILE A 10 3.88 -0.34 -20.99
CA ILE A 10 2.53 -0.52 -20.40
C ILE A 10 2.39 -1.94 -19.85
N ILE A 11 1.64 -2.06 -18.75
CA ILE A 11 1.30 -3.33 -18.03
C ILE A 11 -0.21 -3.47 -18.12
N ARG A 12 -0.70 -4.63 -18.53
CA ARG A 12 -2.15 -4.98 -18.50
C ARG A 12 -2.36 -6.17 -17.56
N ALA A 13 -3.41 -6.12 -16.75
CA ALA A 13 -3.84 -7.21 -15.85
C ALA A 13 -5.35 -7.26 -15.79
N THR A 14 -5.90 -8.43 -15.43
CA THR A 14 -7.35 -8.58 -15.14
C THR A 14 -7.48 -9.25 -13.77
N GLY A 15 -8.56 -9.01 -13.08
CA GLY A 15 -8.91 -9.73 -11.85
C GLY A 15 -10.24 -9.26 -11.33
N VAL A 16 -10.46 -9.40 -10.02
CA VAL A 16 -11.79 -9.15 -9.40
C VAL A 16 -11.54 -8.18 -8.25
N GLY A 17 -12.44 -7.24 -8.05
CA GLY A 17 -12.45 -6.40 -6.84
C GLY A 17 -12.75 -7.25 -5.62
N LEU A 18 -11.87 -7.22 -4.61
CA LEU A 18 -12.12 -7.87 -3.28
C LEU A 18 -13.51 -7.52 -2.77
N HIS A 19 -13.81 -6.23 -2.70
CA HIS A 19 -15.07 -5.72 -2.09
C HIS A 19 -16.24 -5.79 -3.07
N SER A 20 -16.03 -5.39 -4.31
CA SER A 20 -17.12 -5.25 -5.31
C SER A 20 -17.49 -6.62 -5.89
N GLY A 21 -16.52 -7.56 -5.99
CA GLY A 21 -16.68 -8.82 -6.74
C GLY A 21 -16.78 -8.62 -8.26
N GLU A 22 -16.48 -7.42 -8.77
CA GLU A 22 -16.55 -7.12 -10.21
C GLU A 22 -15.24 -7.52 -10.90
N LYS A 23 -15.34 -7.99 -12.15
CA LYS A 23 -14.21 -8.16 -13.08
C LYS A 23 -13.72 -6.76 -13.45
N VAL A 24 -12.42 -6.58 -13.39
CA VAL A 24 -11.78 -5.28 -13.67
CA VAL A 24 -11.75 -5.27 -13.63
C VAL A 24 -10.56 -5.53 -14.56
N TYR A 25 -10.39 -4.64 -15.54
CA TYR A 25 -9.23 -4.54 -16.44
C TYR A 25 -8.39 -3.38 -15.95
N LEU A 26 -7.13 -3.66 -15.69
CA LEU A 26 -6.13 -2.70 -15.14
C LEU A 26 -5.09 -2.44 -16.23
N THR A 27 -4.76 -1.17 -16.45
CA THR A 27 -3.61 -0.75 -17.29
C THR A 27 -2.72 0.22 -16.53
N LEU A 28 -1.45 -0.11 -16.35
CA LEU A 28 -0.43 0.81 -15.79
C LEU A 28 0.30 1.43 -16.96
N LYS A 29 0.39 2.75 -17.02
CA LYS A 29 1.06 3.46 -18.12
C LYS A 29 2.14 4.38 -17.57
N PRO A 30 3.26 4.52 -18.33
CA PRO A 30 4.28 5.52 -18.05
C PRO A 30 3.63 6.89 -17.97
N ALA A 31 4.20 7.79 -17.18
CA ALA A 31 3.69 9.15 -16.96
C ALA A 31 4.89 10.09 -16.86
N PRO A 32 4.70 11.37 -17.24
CA PRO A 32 5.79 12.33 -17.19
C PRO A 32 6.24 12.68 -15.77
N VAL A 33 7.38 13.33 -15.70
CA VAL A 33 7.99 13.81 -14.45
C VAL A 33 6.95 14.63 -13.67
N ASP A 34 6.94 14.48 -12.36
CA ASP A 34 6.06 15.20 -11.41
C ASP A 34 4.59 14.90 -11.68
N THR A 35 4.23 13.76 -12.28
CA THR A 35 2.79 13.38 -12.38
C THR A 35 2.31 12.84 -11.03
N GLY A 36 3.16 12.09 -10.35
CA GLY A 36 2.70 11.23 -9.25
C GLY A 36 1.95 10.02 -9.79
N ILE A 37 1.25 9.31 -8.90
CA ILE A 37 0.42 8.13 -9.26
C ILE A 37 -1.01 8.68 -9.37
N VAL A 38 -1.65 8.46 -10.53
CA VAL A 38 -3.01 8.97 -10.84
C VAL A 38 -3.85 7.79 -11.30
N PHE A 39 -4.94 7.53 -10.58
CA PHE A 39 -5.93 6.51 -10.93
C PHE A 39 -6.94 7.14 -11.90
N SER A 40 -7.38 6.34 -12.85
CA SER A 40 -8.34 6.77 -13.91
C SER A 40 -9.44 5.74 -14.07
N ARG A 41 -10.70 6.15 -13.90
CA ARG A 41 -11.89 5.33 -14.20
C ARG A 41 -12.21 5.50 -15.70
N THR A 42 -11.78 4.57 -16.54
CA THR A 42 -11.92 4.73 -18.02
C THR A 42 -13.26 4.15 -18.49
N ASP A 43 -14.04 3.58 -17.59
CA ASP A 43 -15.43 3.11 -17.87
C ASP A 43 -16.37 4.31 -17.91
N LEU A 44 -15.99 5.46 -17.37
CA LEU A 44 -16.87 6.65 -17.30
C LEU A 44 -16.53 7.59 -18.47
N ASP A 45 -17.51 8.40 -18.85
CA ASP A 45 -17.43 9.38 -19.96
C ASP A 45 -17.98 10.69 -19.43
N PRO A 46 -17.13 11.69 -19.13
CA PRO A 46 -15.69 11.63 -19.37
C PRO A 46 -14.97 10.74 -18.35
N VAL A 47 -13.76 10.29 -18.69
CA VAL A 47 -12.84 9.59 -17.76
C VAL A 47 -12.67 10.45 -16.48
N VAL A 48 -12.71 9.83 -15.30
CA VAL A 48 -12.53 10.52 -13.99
C VAL A 48 -11.20 10.07 -13.40
N GLU A 49 -10.33 11.04 -13.13
CA GLU A 49 -8.93 10.79 -12.66
C GLU A 49 -8.85 11.26 -11.20
N ILE A 50 -8.22 10.46 -10.35
CA ILE A 50 -8.02 10.78 -8.91
C ILE A 50 -6.55 10.57 -8.60
N PRO A 51 -5.77 11.66 -8.37
CA PRO A 51 -4.41 11.55 -7.87
C PRO A 51 -4.38 10.69 -6.61
N ALA A 52 -3.39 9.80 -6.49
CA ALA A 52 -3.26 8.91 -5.31
C ALA A 52 -2.60 9.72 -4.19
N ARG A 53 -3.36 10.63 -3.58
CA ARG A 53 -2.88 11.55 -2.53
C ARG A 53 -3.83 11.51 -1.33
N ALA A 54 -3.28 11.75 -0.13
CA ALA A 54 -4.03 11.65 1.15
C ALA A 54 -5.32 12.47 1.06
N GLU A 55 -5.26 13.66 0.43
CA GLU A 55 -6.43 14.59 0.29
C GLU A 55 -7.60 13.93 -0.45
N ASN A 56 -7.38 12.86 -1.20
CA ASN A 56 -8.45 12.23 -2.04
C ASN A 56 -8.99 10.95 -1.39
N VAL A 57 -8.54 10.63 -0.18
CA VAL A 57 -9.02 9.47 0.60
C VAL A 57 -10.40 9.81 1.14
N GLY A 58 -11.43 9.05 0.75
CA GLY A 58 -12.82 9.30 1.15
C GLY A 58 -13.35 8.30 2.15
N GLU A 59 -12.81 7.09 2.21
CA GLU A 59 -13.32 5.96 3.03
C GLU A 59 -12.14 5.08 3.42
N THR A 60 -12.11 4.59 4.67
CA THR A 60 -10.98 3.79 5.20
C THR A 60 -11.51 2.57 5.94
N THR A 61 -12.63 2.05 5.45
CA THR A 61 -13.30 0.88 6.07
C THR A 61 -12.86 -0.37 5.32
N MET A 62 -11.99 -1.19 5.94
CA MET A 62 -11.50 -2.47 5.38
C MET A 62 -10.72 -2.26 4.07
N SER A 63 -10.39 -1.04 3.71
CA SER A 63 -9.57 -0.71 2.51
C SER A 63 -9.36 0.80 2.52
N THR A 64 -8.46 1.28 1.66
CA THR A 64 -8.31 2.73 1.39
C THR A 64 -9.06 3.00 0.06
N THR A 65 -10.04 3.91 0.08
CA THR A 65 -10.82 4.32 -1.10
C THR A 65 -10.51 5.77 -1.46
N LEU A 66 -10.18 6.00 -2.73
CA LEU A 66 -10.09 7.37 -3.28
C LEU A 66 -11.50 7.76 -3.74
N VAL A 67 -11.85 9.02 -3.57
CA VAL A 67 -13.20 9.53 -3.88
C VAL A 67 -13.04 10.91 -4.49
N LYS A 68 -13.79 11.16 -5.58
CA LYS A 68 -13.93 12.49 -6.21
C LYS A 68 -15.41 12.61 -6.56
N GLY A 69 -16.15 13.39 -5.77
CA GLY A 69 -17.61 13.49 -5.87
C GLY A 69 -18.22 12.13 -5.64
N ASP A 70 -18.93 11.60 -6.64
CA ASP A 70 -19.70 10.34 -6.54
C ASP A 70 -18.88 9.14 -7.02
N VAL A 71 -17.64 9.39 -7.43
CA VAL A 71 -16.76 8.41 -8.12
C VAL A 71 -15.72 7.90 -7.13
N LYS A 72 -15.52 6.57 -7.12
N LYS A 72 -15.56 6.57 -7.02
CA LYS A 72 -14.61 5.88 -6.18
CA LYS A 72 -14.53 5.98 -6.12
C LYS A 72 -13.56 5.08 -6.96
C LYS A 72 -13.58 5.09 -6.91
N VAL A 73 -12.38 4.96 -6.38
CA VAL A 73 -11.38 3.94 -6.76
C VAL A 73 -11.04 3.24 -5.44
N ASP A 74 -11.52 2.02 -5.26
CA ASP A 74 -11.42 1.29 -3.99
C ASP A 74 -10.17 0.41 -3.98
N THR A 75 -9.67 0.12 -2.79
CA THR A 75 -8.60 -0.85 -2.47
C THR A 75 -7.32 -0.51 -3.25
N VAL A 76 -6.77 0.70 -3.00
CA VAL A 76 -5.55 1.19 -3.71
C VAL A 76 -4.29 0.71 -3.00
N GLU A 77 -4.38 0.22 -1.77
CA GLU A 77 -3.22 0.06 -0.86
C GLU A 77 -2.22 -1.00 -1.37
N HIS A 78 -2.64 -2.15 -1.91
CA HIS A 78 -1.68 -3.23 -2.28
C HIS A 78 -0.91 -2.83 -3.54
N LEU A 79 -1.62 -2.25 -4.51
CA LEU A 79 -0.94 -1.75 -5.73
C LEU A 79 0.00 -0.61 -5.34
N LEU A 80 -0.44 0.33 -4.52
CA LEU A 80 0.42 1.45 -4.12
C LEU A 80 1.63 0.94 -3.33
N SER A 81 1.49 -0.13 -2.55
N SER A 81 1.49 -0.13 -2.54
CA SER A 81 2.61 -0.76 -1.80
CA SER A 81 2.62 -0.76 -1.79
C SER A 81 3.66 -1.27 -2.80
C SER A 81 3.66 -1.24 -2.82
N ALA A 82 3.21 -1.92 -3.87
CA ALA A 82 4.07 -2.39 -5.00
C ALA A 82 4.84 -1.23 -5.60
N MET A 83 4.15 -0.14 -5.91
N MET A 83 4.10 -0.17 -5.95
CA MET A 83 4.76 1.01 -6.59
CA MET A 83 4.65 1.09 -6.53
C MET A 83 5.72 1.76 -5.64
C MET A 83 5.74 1.66 -5.63
N ALA A 84 5.42 1.79 -4.33
CA ALA A 84 6.36 2.28 -3.32
C ALA A 84 7.59 1.36 -3.23
N GLY A 85 7.41 0.04 -3.14
CA GLY A 85 8.53 -0.90 -2.99
C GLY A 85 9.46 -0.86 -4.20
N LEU A 86 8.97 -0.52 -5.38
CA LEU A 86 9.80 -0.45 -6.60
C LEU A 86 10.25 0.97 -6.91
N GLY A 87 9.88 1.94 -6.07
CA GLY A 87 10.32 3.34 -6.21
C GLY A 87 9.74 4.02 -7.44
N ILE A 88 8.51 3.65 -7.84
CA ILE A 88 7.83 4.30 -9.00
C ILE A 88 7.29 5.65 -8.54
N ASP A 89 7.72 6.73 -9.19
CA ASP A 89 7.19 8.10 -8.90
C ASP A 89 5.92 8.42 -9.71
N ASN A 90 5.95 8.11 -10.99
CA ASN A 90 4.99 8.64 -11.98
C ASN A 90 4.37 7.45 -12.74
N ALA A 91 3.03 7.37 -12.76
CA ALA A 91 2.28 6.33 -13.49
C ALA A 91 0.79 6.68 -13.50
N TYR A 92 0.13 6.34 -14.62
CA TYR A 92 -1.34 6.34 -14.78
C TYR A 92 -1.79 4.92 -14.49
N VAL A 93 -2.79 4.78 -13.62
CA VAL A 93 -3.38 3.46 -13.30
C VAL A 93 -4.82 3.48 -13.83
N GLU A 94 -5.07 2.90 -14.98
CA GLU A 94 -6.43 2.87 -15.59
C GLU A 94 -7.19 1.65 -15.08
N LEU A 95 -8.44 1.86 -14.72
CA LEU A 95 -9.34 0.79 -14.26
C LEU A 95 -10.66 0.91 -15.03
N SER A 96 -11.22 -0.23 -15.42
CA SER A 96 -12.50 -0.35 -16.15
C SER A 96 -13.67 -0.38 -15.15
N ALA A 97 -13.41 -0.31 -13.84
CA ALA A 97 -14.43 -0.37 -12.77
C ALA A 97 -13.88 0.29 -11.50
N SER A 98 -14.68 0.24 -10.42
CA SER A 98 -14.54 1.04 -9.19
C SER A 98 -13.43 0.53 -8.26
N GLU A 99 -12.80 -0.63 -8.51
CA GLU A 99 -11.83 -1.22 -7.54
C GLU A 99 -10.59 -1.78 -8.26
N VAL A 100 -9.43 -1.59 -7.67
CA VAL A 100 -8.20 -2.29 -8.11
C VAL A 100 -8.42 -3.80 -7.94
N PRO A 101 -8.07 -4.64 -8.94
CA PRO A 101 -8.19 -6.08 -8.77
C PRO A 101 -7.34 -6.61 -7.60
N ILE A 102 -7.87 -7.58 -6.86
CA ILE A 102 -7.19 -8.14 -5.65
C ILE A 102 -6.06 -9.10 -6.05
N MET A 103 -6.10 -9.70 -7.24
CA MET A 103 -5.09 -10.71 -7.68
C MET A 103 -5.03 -11.82 -6.63
N ASP A 104 -3.87 -12.19 -6.07
CA ASP A 104 -3.71 -13.29 -5.07
C ASP A 104 -3.87 -12.73 -3.63
N GLY A 105 -4.24 -11.46 -3.44
CA GLY A 105 -4.40 -10.83 -2.12
C GLY A 105 -3.15 -10.07 -1.69
N SER A 106 -2.02 -10.24 -2.41
CA SER A 106 -0.70 -9.65 -2.00
C SER A 106 -0.31 -8.56 -3.00
N ALA A 107 0.90 -8.02 -2.86
CA ALA A 107 1.48 -7.10 -3.86
C ALA A 107 2.31 -7.87 -4.90
N GLY A 108 2.49 -9.19 -4.74
CA GLY A 108 3.39 -10.03 -5.57
C GLY A 108 3.10 -9.88 -7.06
N PRO A 109 1.85 -10.14 -7.51
CA PRO A 109 1.55 -10.05 -8.95
C PRO A 109 1.82 -8.67 -9.53
N PHE A 110 1.51 -7.62 -8.78
CA PHE A 110 1.85 -6.22 -9.18
C PHE A 110 3.37 -6.04 -9.28
N VAL A 111 4.17 -6.44 -8.30
CA VAL A 111 5.63 -6.20 -8.43
C VAL A 111 6.13 -7.00 -9.64
N PHE A 112 5.60 -8.20 -9.88
CA PHE A 112 6.05 -9.04 -11.01
C PHE A 112 5.69 -8.38 -12.35
N LEU A 113 4.44 -7.97 -12.53
CA LEU A 113 3.97 -7.30 -13.77
C LEU A 113 4.82 -6.04 -14.01
N ILE A 114 5.05 -5.25 -12.98
CA ILE A 114 5.80 -3.98 -13.15
C ILE A 114 7.26 -4.29 -13.57
N GLN A 115 7.93 -5.18 -12.84
CA GLN A 115 9.35 -5.52 -13.09
C GLN A 115 9.50 -6.25 -14.43
N SER A 116 8.47 -6.97 -14.89
CA SER A 116 8.39 -7.51 -16.28
C SER A 116 8.38 -6.37 -17.32
N ALA A 117 7.60 -5.32 -17.14
CA ALA A 117 7.56 -4.16 -18.04
C ALA A 117 8.88 -3.40 -17.98
N GLY A 118 9.49 -3.37 -16.80
CA GLY A 118 10.72 -2.62 -16.51
C GLY A 118 10.42 -1.20 -16.11
N LEU A 119 11.41 -0.52 -15.52
CA LEU A 119 11.30 0.90 -15.15
C LEU A 119 12.23 1.75 -16.03
N GLN A 120 11.97 3.04 -16.05
CA GLN A 120 12.66 4.08 -16.86
C GLN A 120 13.01 5.24 -15.92
N GLU A 121 14.30 5.53 -15.73
CA GLU A 121 14.70 6.74 -14.97
C GLU A 121 14.40 7.97 -15.83
N GLN A 122 14.09 9.09 -15.20
CA GLN A 122 13.65 10.32 -15.89
C GLN A 122 14.60 11.44 -15.46
N GLU A 123 14.72 12.48 -16.29
CA GLU A 123 15.72 13.55 -16.14
C GLU A 123 15.14 14.61 -15.19
N ALA A 124 14.83 14.21 -13.96
CA ALA A 124 14.39 15.10 -12.85
C ALA A 124 14.73 14.44 -11.53
N ALA A 125 15.16 15.24 -10.56
CA ALA A 125 15.53 14.76 -9.20
C ALA A 125 14.26 14.17 -8.53
N LYS A 126 14.43 12.99 -7.94
CA LYS A 126 13.40 12.34 -7.10
C LYS A 126 13.31 13.15 -5.80
N LYS A 127 12.08 13.54 -5.45
CA LYS A 127 11.76 14.32 -4.23
C LYS A 127 11.34 13.35 -3.14
N PHE A 128 11.93 13.53 -1.96
CA PHE A 128 11.66 12.69 -0.77
C PHE A 128 11.03 13.56 0.31
N ILE A 129 10.16 12.98 1.14
CA ILE A 129 9.69 13.62 2.40
C ILE A 129 10.51 13.02 3.55
N ARG A 130 11.32 13.85 4.19
CA ARG A 130 12.16 13.49 5.36
C ARG A 130 11.42 13.88 6.65
N ILE A 131 11.21 12.91 7.52
CA ILE A 131 10.64 13.12 8.88
C ILE A 131 11.71 13.82 9.73
N LYS A 132 11.39 14.99 10.29
CA LYS A 132 12.28 15.84 11.12
C LYS A 132 11.91 15.76 12.59
N ARG A 133 10.61 15.57 12.88
CA ARG A 133 10.09 15.45 14.26
C ARG A 133 9.19 14.21 14.34
N GLU A 134 9.08 13.69 15.55
CA GLU A 134 8.15 12.58 15.83
C GLU A 134 6.73 13.10 15.62
N VAL A 135 5.89 12.32 14.96
CA VAL A 135 4.46 12.64 14.82
C VAL A 135 3.67 11.40 15.19
N SER A 136 2.80 11.52 16.17
CA SER A 136 2.02 10.40 16.78
C SER A 136 0.53 10.72 16.67
N VAL A 137 -0.28 9.76 16.21
CA VAL A 137 -1.76 9.78 16.39
C VAL A 137 -2.15 8.49 17.12
N GLU A 138 -3.08 8.60 18.07
CA GLU A 138 -3.73 7.47 18.75
C GLU A 138 -5.24 7.65 18.63
N GLU A 139 -5.96 6.54 18.75
CA GLU A 139 -7.40 6.57 19.08
C GLU A 139 -7.72 5.25 19.77
N GLY A 140 -8.21 5.28 21.02
CA GLY A 140 -8.38 4.06 21.83
C GLY A 140 -7.04 3.36 22.02
N ASP A 141 -6.94 2.07 21.70
CA ASP A 141 -5.70 1.27 21.88
C ASP A 141 -4.88 1.19 20.59
N LYS A 142 -5.24 1.97 19.56
CA LYS A 142 -4.49 1.99 18.27
C LYS A 142 -3.56 3.21 18.28
N ARG A 143 -2.35 3.05 17.77
CA ARG A 143 -1.40 4.17 17.65
C ARG A 143 -0.63 4.03 16.33
N ALA A 144 -0.27 5.16 15.71
CA ALA A 144 0.58 5.15 14.50
C ALA A 144 1.55 6.34 14.56
N VAL A 145 2.83 6.10 14.32
CA VAL A 145 3.88 7.12 14.61
C VAL A 145 4.85 7.18 13.45
N PHE A 146 5.25 8.39 13.09
CA PHE A 146 6.46 8.70 12.29
C PHE A 146 7.58 9.15 13.24
N VAL A 147 8.77 8.57 13.07
CA VAL A 147 9.99 8.91 13.86
C VAL A 147 11.10 9.27 12.87
N PRO A 148 11.88 10.33 13.14
CA PRO A 148 13.06 10.61 12.34
C PRO A 148 13.94 9.34 12.24
N PHE A 149 14.46 9.08 11.05
CA PHE A 149 15.30 7.89 10.77
C PHE A 149 15.95 8.08 9.40
N ASP A 150 17.27 7.88 9.35
CA ASP A 150 18.11 8.10 8.15
C ASP A 150 18.03 6.83 7.29
N GLY A 151 16.87 6.60 6.65
CA GLY A 151 16.54 5.39 5.90
C GLY A 151 15.04 5.27 5.65
N PHE A 152 14.56 4.04 5.45
CA PHE A 152 13.12 3.75 5.50
C PHE A 152 12.92 2.42 6.19
N LYS A 153 12.22 2.47 7.32
CA LYS A 153 11.86 1.27 8.10
C LYS A 153 10.43 1.37 8.61
N VAL A 154 9.77 0.21 8.66
CA VAL A 154 8.38 0.04 9.13
C VAL A 154 8.39 -1.05 10.21
N SER A 155 7.87 -0.72 11.39
CA SER A 155 7.59 -1.64 12.51
C SER A 155 6.09 -1.73 12.72
N PHE A 156 5.62 -2.93 13.01
CA PHE A 156 4.19 -3.17 13.22
C PHE A 156 4.00 -4.22 14.33
N GLU A 157 3.01 -3.95 15.17
CA GLU A 157 2.58 -4.88 16.23
C GLU A 157 1.06 -5.01 16.19
N ILE A 158 0.58 -6.23 16.02
CA ILE A 158 -0.88 -6.56 16.04
C ILE A 158 -1.12 -7.48 17.24
N ASP A 159 -2.28 -7.35 17.87
CA ASP A 159 -2.80 -8.34 18.83
C ASP A 159 -4.19 -8.77 18.37
N PHE A 160 -4.29 -9.82 17.56
CA PHE A 160 -5.55 -10.17 16.87
C PHE A 160 -6.43 -10.98 17.81
N ASP A 161 -5.93 -11.40 18.98
CA ASP A 161 -6.69 -12.20 19.97
C ASP A 161 -7.30 -13.44 19.28
N HIS A 162 -6.48 -14.37 18.83
CA HIS A 162 -6.94 -15.56 18.06
C HIS A 162 -5.96 -16.69 18.33
N PRO A 163 -6.46 -17.93 18.50
CA PRO A 163 -5.62 -19.11 18.74
C PRO A 163 -4.42 -19.26 17.82
N VAL A 164 -4.58 -18.84 16.57
CA VAL A 164 -3.54 -19.08 15.52
C VAL A 164 -2.23 -18.36 15.92
N PHE A 165 -2.29 -17.30 16.74
CA PHE A 165 -1.10 -16.50 17.20
C PHE A 165 -0.47 -17.08 18.50
N ARG A 166 -1.09 -18.09 19.11
CA ARG A 166 -0.56 -18.82 20.29
C ARG A 166 -0.25 -17.89 21.46
N GLY A 167 -1.21 -17.03 21.83
CA GLY A 167 -1.17 -16.15 23.01
C GLY A 167 -0.13 -15.05 22.94
N ARG A 168 0.45 -14.81 21.75
CA ARG A 168 1.53 -13.80 21.55
C ARG A 168 1.00 -12.69 20.64
N THR A 169 1.38 -11.44 20.89
CA THR A 169 1.21 -10.36 19.88
C THR A 169 2.11 -10.72 18.71
N GLN A 170 1.75 -10.34 17.48
CA GLN A 170 2.62 -10.58 16.31
C GLN A 170 3.32 -9.25 16.03
N GLN A 171 4.63 -9.28 15.92
CA GLN A 171 5.47 -8.06 15.76
C GLN A 171 6.49 -8.32 14.64
N ALA A 172 6.80 -7.32 13.83
CA ALA A 172 7.89 -7.37 12.84
C ALA A 172 8.40 -5.98 12.57
N SER A 173 9.71 -5.86 12.35
CA SER A 173 10.38 -4.61 11.93
C SER A 173 11.19 -4.90 10.66
N VAL A 174 11.01 -4.08 9.64
CA VAL A 174 11.76 -4.24 8.36
C VAL A 174 12.39 -2.90 7.98
N ASP A 175 13.70 -2.92 7.73
CA ASP A 175 14.49 -1.79 7.21
C ASP A 175 14.78 -2.06 5.73
N PHE A 176 14.27 -1.23 4.84
CA PHE A 176 14.23 -1.56 3.38
C PHE A 176 15.55 -1.20 2.68
N SER A 177 16.55 -0.74 3.44
CA SER A 177 17.99 -0.60 3.05
C SER A 177 18.64 -1.96 2.93
N SER A 178 18.39 -2.76 3.96
CA SER A 178 19.07 -4.03 4.24
C SER A 178 18.15 -5.19 3.85
N THR A 179 16.84 -4.97 3.72
CA THR A 179 15.85 -6.05 3.55
C THR A 179 14.97 -5.82 2.32
N SER A 180 14.73 -6.89 1.56
CA SER A 180 14.00 -6.85 0.27
C SER A 180 12.50 -6.77 0.53
N PHE A 181 11.89 -5.64 0.17
CA PHE A 181 10.42 -5.53 0.00
C PHE A 181 9.91 -6.71 -0.84
N VAL A 182 10.55 -6.96 -1.98
CA VAL A 182 10.06 -8.02 -2.92
C VAL A 182 10.02 -9.38 -2.22
N LYS A 183 11.09 -9.81 -1.56
CA LYS A 183 11.18 -11.22 -1.06
C LYS A 183 10.42 -11.37 0.26
N GLU A 184 10.49 -10.35 1.13
CA GLU A 184 10.10 -10.47 2.55
C GLU A 184 8.72 -9.88 2.85
N VAL A 185 8.20 -8.94 2.05
CA VAL A 185 6.88 -8.29 2.31
C VAL A 185 5.88 -8.55 1.16
N SER A 186 6.28 -8.42 -0.12
CA SER A 186 5.33 -8.28 -1.26
C SER A 186 4.36 -9.46 -1.33
N ARG A 187 4.80 -10.67 -0.94
CA ARG A 187 3.99 -11.89 -1.08
C ARG A 187 2.97 -12.07 0.06
N ALA A 188 2.96 -11.19 1.06
CA ALA A 188 2.06 -11.35 2.22
C ALA A 188 0.62 -11.02 1.79
N ARG A 189 -0.30 -11.96 2.00
CA ARG A 189 -1.70 -11.84 1.50
C ARG A 189 -2.65 -11.19 2.50
N THR A 190 -3.67 -10.54 1.94
CA THR A 190 -4.98 -10.24 2.57
C THR A 190 -5.44 -11.44 3.43
N PHE A 191 -6.08 -11.16 4.53
CA PHE A 191 -6.59 -12.20 5.45
C PHE A 191 -8.01 -11.83 5.84
N GLY A 192 -8.82 -12.88 6.05
CA GLY A 192 -10.22 -12.76 6.49
C GLY A 192 -10.50 -13.77 7.60
N PHE A 193 -10.81 -13.28 8.77
CA PHE A 193 -11.28 -14.09 9.92
C PHE A 193 -12.78 -14.31 9.75
N MET A 194 -13.23 -15.58 9.82
CA MET A 194 -14.66 -15.98 9.68
C MET A 194 -15.49 -15.31 10.76
N ARG A 195 -14.90 -14.89 11.88
CA ARG A 195 -15.63 -14.18 12.96
C ARG A 195 -16.03 -12.77 12.48
N ASP A 196 -15.46 -12.26 11.39
CA ASP A 196 -15.80 -10.93 10.83
C ASP A 196 -16.86 -11.08 9.74
N ILE A 197 -17.27 -12.31 9.41
CA ILE A 197 -18.06 -12.57 8.18
C ILE A 197 -19.45 -11.92 8.30
N GLU A 198 -20.13 -12.00 9.43
CA GLU A 198 -21.46 -11.31 9.55
C GLU A 198 -21.25 -9.79 9.41
N TYR A 199 -20.10 -9.25 9.85
CA TYR A 199 -19.81 -7.80 9.71
C TYR A 199 -19.68 -7.45 8.21
N LEU A 200 -18.74 -8.11 7.53
CA LEU A 200 -18.57 -8.00 6.05
C LEU A 200 -19.93 -8.16 5.35
N ARG A 201 -20.65 -9.23 5.66
CA ARG A 201 -22.02 -9.48 5.12
C ARG A 201 -22.87 -8.24 5.32
N SER A 202 -22.94 -7.78 6.57
CA SER A 202 -23.84 -6.68 6.98
C SER A 202 -23.53 -5.48 6.09
N GLN A 203 -22.28 -5.33 5.68
CA GLN A 203 -21.81 -4.13 4.97
C GLN A 203 -21.77 -4.37 3.46
N ASN A 204 -22.17 -5.53 2.97
CA ASN A 204 -22.01 -5.93 1.55
C ASN A 204 -20.55 -5.75 1.10
N LEU A 205 -19.58 -6.15 1.92
CA LEU A 205 -18.13 -6.06 1.58
C LEU A 205 -17.58 -7.44 1.25
N ALA A 206 -16.36 -7.48 0.71
CA ALA A 206 -15.60 -8.72 0.46
C ALA A 206 -16.38 -9.65 -0.50
N LEU A 207 -17.15 -9.06 -1.42
CA LEU A 207 -18.01 -9.84 -2.34
C LEU A 207 -17.16 -10.73 -3.24
N GLY A 208 -15.89 -10.35 -3.49
CA GLY A 208 -14.94 -11.09 -4.35
C GLY A 208 -14.02 -12.01 -3.55
N GLY A 209 -14.17 -12.06 -2.22
CA GLY A 209 -13.25 -12.75 -1.31
C GLY A 209 -13.36 -14.27 -1.40
N SER A 210 -12.22 -14.95 -1.49
CA SER A 210 -12.10 -16.43 -1.44
C SER A 210 -10.68 -16.84 -1.03
N VAL A 211 -10.43 -18.15 -0.84
CA VAL A 211 -9.06 -18.67 -0.59
C VAL A 211 -8.10 -18.30 -1.74
N GLU A 212 -8.62 -17.99 -2.95
N GLU A 212 -8.61 -17.98 -2.94
CA GLU A 212 -7.78 -17.58 -4.11
CA GLU A 212 -7.75 -17.62 -4.09
C GLU A 212 -7.14 -16.21 -3.88
C GLU A 212 -7.24 -16.17 -3.97
N ASN A 213 -7.69 -15.39 -2.98
CA ASN A 213 -7.17 -14.00 -2.80
C ASN A 213 -7.01 -13.62 -1.32
N ALA A 214 -7.18 -14.55 -0.39
CA ALA A 214 -7.06 -14.24 1.05
C ALA A 214 -6.74 -15.51 1.85
N ILE A 215 -6.00 -15.29 2.93
CA ILE A 215 -5.85 -16.27 4.04
C ILE A 215 -7.20 -16.27 4.77
N VAL A 216 -7.90 -17.40 4.75
CA VAL A 216 -9.19 -17.55 5.48
C VAL A 216 -8.92 -18.30 6.78
N VAL A 217 -9.31 -17.71 7.90
CA VAL A 217 -9.05 -18.23 9.26
C VAL A 217 -10.38 -18.51 9.97
N ASP A 218 -10.61 -19.76 10.42
CA ASP A 218 -11.85 -20.08 11.16
C ASP A 218 -11.57 -19.74 12.64
N GLU A 219 -12.24 -20.34 13.61
CA GLU A 219 -12.00 -19.99 15.03
C GLU A 219 -10.62 -20.48 15.46
N ASN A 220 -9.96 -21.37 14.72
CA ASN A 220 -8.69 -22.00 15.19
C ASN A 220 -7.55 -21.90 14.18
N ARG A 221 -7.80 -22.02 12.87
CA ARG A 221 -6.69 -22.29 11.93
C ARG A 221 -6.88 -21.64 10.57
N VAL A 222 -5.76 -21.52 9.84
CA VAL A 222 -5.76 -21.14 8.40
C VAL A 222 -6.39 -22.29 7.65
N LEU A 223 -7.42 -22.03 6.86
CA LEU A 223 -8.11 -23.09 6.10
C LEU A 223 -7.44 -23.31 4.75
N ASN A 224 -6.70 -22.32 4.23
CA ASN A 224 -5.99 -22.47 2.93
C ASN A 224 -5.18 -23.75 2.95
N GLU A 225 -5.44 -24.67 2.02
CA GLU A 225 -4.84 -26.02 2.08
C GLU A 225 -3.31 -25.92 1.99
N ASP A 226 -2.76 -24.91 1.31
CA ASP A 226 -1.27 -24.79 1.16
C ASP A 226 -0.68 -23.88 2.24
N GLY A 227 -1.47 -23.41 3.19
CA GLY A 227 -0.91 -22.80 4.42
C GLY A 227 -0.39 -21.40 4.15
N LEU A 228 0.61 -20.96 4.92
CA LEU A 228 1.13 -19.56 4.89
C LEU A 228 2.39 -19.49 4.04
N ARG A 229 2.70 -18.29 3.56
CA ARG A 229 3.93 -17.97 2.78
C ARG A 229 5.05 -17.49 3.70
N TYR A 230 4.69 -16.89 4.82
CA TYR A 230 5.62 -16.40 5.86
C TYR A 230 5.04 -16.86 7.19
N GLU A 231 5.89 -17.22 8.15
CA GLU A 231 5.46 -17.61 9.51
C GLU A 231 4.59 -16.50 10.11
N ASP A 232 4.97 -15.26 9.88
CA ASP A 232 4.30 -14.05 10.43
C ASP A 232 3.54 -13.32 9.29
N GLU A 233 2.82 -14.02 8.41
CA GLU A 233 2.29 -13.41 7.16
C GLU A 233 1.28 -12.30 7.53
N PHE A 234 0.54 -12.43 8.62
CA PHE A 234 -0.54 -11.46 8.99
C PHE A 234 0.09 -10.08 9.23
N VAL A 235 1.14 -10.05 10.05
CA VAL A 235 1.77 -8.75 10.43
C VAL A 235 2.60 -8.28 9.23
N LYS A 236 3.17 -9.19 8.42
CA LYS A 236 3.88 -8.76 7.20
C LYS A 236 2.86 -8.08 6.24
N HIS A 237 1.62 -8.60 6.14
CA HIS A 237 0.58 -7.92 5.32
C HIS A 237 0.19 -6.55 5.89
N LYS A 238 0.10 -6.40 7.20
CA LYS A 238 -0.19 -5.08 7.82
C LYS A 238 0.90 -4.09 7.38
N ILE A 239 2.14 -4.55 7.36
CA ILE A 239 3.28 -3.71 6.89
C ILE A 239 3.10 -3.32 5.41
N LEU A 240 2.70 -4.26 4.58
CA LEU A 240 2.38 -4.03 3.16
C LEU A 240 1.26 -2.99 3.04
N ASP A 241 0.19 -3.15 3.80
CA ASP A 241 -0.93 -2.15 3.84
C ASP A 241 -0.36 -0.75 4.14
N ALA A 242 0.45 -0.62 5.18
CA ALA A 242 0.97 0.67 5.69
C ALA A 242 1.89 1.32 4.63
N ILE A 243 2.72 0.53 3.95
CA ILE A 243 3.60 1.07 2.88
C ILE A 243 2.72 1.66 1.77
N GLY A 244 1.63 0.97 1.39
CA GLY A 244 0.65 1.45 0.41
C GLY A 244 0.02 2.76 0.86
N ASP A 245 -0.53 2.81 2.08
CA ASP A 245 -1.15 4.05 2.63
C ASP A 245 -0.11 5.16 2.70
N LEU A 246 1.12 4.89 3.14
CA LEU A 246 2.17 5.92 3.30
C LEU A 246 2.49 6.53 1.94
N TYR A 247 2.33 5.78 0.86
CA TYR A 247 2.67 6.29 -0.49
C TYR A 247 1.67 7.36 -0.94
N LEU A 248 0.52 7.50 -0.25
CA LEU A 248 -0.43 8.59 -0.54
C LEU A 248 0.14 9.95 -0.15
N LEU A 249 1.27 9.99 0.59
CA LEU A 249 2.03 11.25 0.80
C LEU A 249 2.46 11.85 -0.54
N GLY A 250 2.63 11.04 -1.58
CA GLY A 250 2.98 11.52 -2.93
C GLY A 250 4.50 11.56 -3.18
N ASN A 251 5.30 11.26 -2.15
CA ASN A 251 6.78 11.17 -2.28
C ASN A 251 7.25 10.05 -1.35
N SER A 252 8.36 9.41 -1.69
CA SER A 252 8.99 8.37 -0.85
C SER A 252 9.45 8.99 0.46
N LEU A 253 9.32 8.24 1.52
CA LEU A 253 9.58 8.71 2.90
C LEU A 253 11.04 8.41 3.26
N ILE A 254 11.66 9.34 3.96
CA ILE A 254 12.88 9.07 4.75
C ILE A 254 12.51 9.22 6.22
N GLY A 255 12.31 8.09 6.89
CA GLY A 255 11.79 8.04 8.25
C GLY A 255 11.38 6.63 8.59
N GLU A 256 10.84 6.47 9.78
CA GLU A 256 10.37 5.20 10.34
C GLU A 256 8.88 5.34 10.62
N PHE A 257 8.08 4.35 10.22
CA PHE A 257 6.67 4.21 10.64
C PHE A 257 6.62 3.10 11.69
N ARG A 258 5.92 3.37 12.79
CA ARG A 258 5.57 2.37 13.84
C ARG A 258 4.04 2.26 13.95
N GLY A 259 3.49 1.06 13.77
CA GLY A 259 2.05 0.85 13.95
C GLY A 259 1.78 -0.05 15.15
N PHE A 260 0.74 0.27 15.91
N PHE A 260 0.81 0.30 15.99
CA PHE A 260 0.28 -0.48 17.10
CA PHE A 260 0.32 -0.57 17.07
C PHE A 260 -1.21 -0.72 16.91
C PHE A 260 -1.18 -0.71 16.87
N LYS A 261 -1.58 -1.86 16.32
CA LYS A 261 -2.97 -2.25 16.00
C LYS A 261 -3.56 -1.19 15.08
N SER A 262 -2.71 -0.54 14.29
CA SER A 262 -3.12 0.49 13.32
C SER A 262 -3.76 -0.18 12.09
N GLY A 263 -4.53 0.60 11.34
CA GLY A 263 -5.21 0.17 10.09
C GLY A 263 -5.32 1.36 9.15
N HIS A 264 -6.06 1.21 8.05
CA HIS A 264 -6.18 2.25 6.99
C HIS A 264 -6.65 3.58 7.61
N ALA A 265 -7.65 3.52 8.48
CA ALA A 265 -8.28 4.72 9.09
C ALA A 265 -7.20 5.52 9.83
N LEU A 266 -6.49 4.89 10.79
CA LEU A 266 -5.47 5.59 11.61
C LEU A 266 -4.25 5.90 10.74
N ASN A 267 -3.92 5.09 9.73
CA ASN A 267 -2.78 5.41 8.82
C ASN A 267 -3.04 6.74 8.12
N ASN A 268 -4.28 6.95 7.68
N ASN A 268 -4.26 6.96 7.59
CA ASN A 268 -4.67 8.15 6.91
CA ASN A 268 -4.65 8.22 6.90
C ASN A 268 -4.74 9.37 7.85
C ASN A 268 -4.61 9.37 7.91
N GLN A 269 -5.12 9.19 9.13
CA GLN A 269 -5.07 10.27 10.16
C GLN A 269 -3.60 10.68 10.39
N LEU A 270 -2.69 9.70 10.46
CA LEU A 270 -1.25 10.02 10.66
C LEU A 270 -0.78 10.90 9.50
N LEU A 271 -1.11 10.50 8.25
CA LEU A 271 -0.67 11.25 7.05
C LEU A 271 -1.17 12.68 7.13
N ARG A 272 -2.44 12.88 7.47
CA ARG A 272 -3.08 14.21 7.53
C ARG A 272 -2.35 15.05 8.58
N THR A 273 -2.09 14.45 9.74
CA THR A 273 -1.39 15.16 10.85
C THR A 273 0.04 15.49 10.42
N LEU A 274 0.76 14.55 9.77
CA LEU A 274 2.12 14.85 9.26
C LEU A 274 2.06 16.04 8.29
N ILE A 275 1.22 15.95 7.27
CA ILE A 275 1.12 16.99 6.20
C ILE A 275 0.84 18.34 6.88
N ALA A 276 -0.11 18.38 7.82
CA ALA A 276 -0.51 19.62 8.50
C ALA A 276 0.66 20.19 9.32
N ASP A 277 1.51 19.35 9.91
CA ASP A 277 2.62 19.84 10.77
C ASP A 277 3.89 20.03 9.93
N LYS A 278 4.03 21.17 9.28
CA LYS A 278 5.16 21.36 8.33
C LYS A 278 6.47 21.51 9.10
N ASP A 279 6.43 21.70 10.42
CA ASP A 279 7.66 21.70 11.26
C ASP A 279 8.27 20.28 11.29
N ALA A 280 7.48 19.25 10.97
CA ALA A 280 7.87 17.84 11.21
C ALA A 280 8.46 17.19 9.94
N TRP A 281 8.46 17.87 8.80
CA TRP A 281 8.95 17.23 7.55
C TRP A 281 9.46 18.30 6.62
N GLU A 282 10.28 17.87 5.66
CA GLU A 282 10.78 18.73 4.56
C GLU A 282 10.93 17.86 3.31
N VAL A 283 10.95 18.50 2.14
CA VAL A 283 11.18 17.79 0.85
C VAL A 283 12.67 17.90 0.54
N VAL A 284 13.33 16.77 0.27
CA VAL A 284 14.80 16.78 -0.02
C VAL A 284 15.02 16.02 -1.32
N THR A 285 16.08 16.39 -2.02
CA THR A 285 16.63 15.64 -3.17
C THR A 285 18.08 15.27 -2.84
N PHE A 286 18.64 14.33 -3.60
CA PHE A 286 20.04 13.88 -3.43
C PHE A 286 20.75 13.99 -4.79
N GLU A 287 21.69 14.93 -4.83
CA GLU A 287 22.53 15.20 -6.01
C GLU A 287 23.51 14.02 -6.19
N ASP A 288 23.87 13.31 -5.11
CA ASP A 288 24.80 12.16 -5.16
C ASP A 288 24.14 10.93 -4.55
N ALA A 289 23.77 9.97 -5.38
CA ALA A 289 23.10 8.72 -4.99
C ALA A 289 24.02 7.92 -4.05
N ARG A 290 25.34 8.14 -4.09
CA ARG A 290 26.34 7.36 -3.30
C ARG A 290 26.28 7.75 -1.81
N THR A 291 25.77 8.94 -1.47
CA THR A 291 25.77 9.47 -0.08
C THR A 291 24.35 9.55 0.49
N ALA A 292 23.33 9.18 -0.28
CA ALA A 292 21.90 9.22 0.16
C ALA A 292 21.67 8.08 1.17
N PRO A 293 20.68 8.20 2.09
CA PRO A 293 20.43 7.14 3.08
C PRO A 293 19.56 5.97 2.57
N ILE A 294 19.16 5.99 1.30
CA ILE A 294 18.37 4.90 0.64
C ILE A 294 18.96 4.66 -0.77
N SER A 295 18.72 3.48 -1.33
CA SER A 295 19.11 3.11 -2.73
C SER A 295 18.00 2.31 -3.40
N TYR A 296 18.02 2.24 -4.73
CA TYR A 296 17.03 1.48 -5.52
C TYR A 296 17.76 0.43 -6.36
N MET A 297 17.04 -0.64 -6.65
CA MET A 297 17.46 -1.67 -7.64
C MET A 297 17.75 -0.98 -8.97
N ARG A 298 18.62 -1.53 -9.78
CA ARG A 298 18.72 -1.15 -11.22
C ARG A 298 17.28 -1.12 -11.76
N PRO A 299 16.96 -0.19 -12.68
CA PRO A 299 15.61 -0.08 -13.24
C PRO A 299 15.25 -1.26 -14.17
#